data_5UNI
#
_entry.id   5UNI
#
_cell.length_a   84.858
_cell.length_b   108.936
_cell.length_c   109.338
_cell.angle_alpha   90.00
_cell.angle_beta   90.00
_cell.angle_gamma   90.00
#
_symmetry.space_group_name_H-M   'C 2 2 21'
#
loop_
_entity.id
_entity.type
_entity.pdbx_description
1 polymer 'NAD(P) transhydrogenase subunit alpha 2'
2 polymer 'NAD(P) transhydrogenase subunit beta'
3 non-polymer 'PENTAETHYLENE GLYCOL'
4 non-polymer DI(HYDROXYETHYL)ETHER
5 non-polymer '(2R)-2,3-dihydroxypropyl (9Z)-octadec-9-enoate'
6 non-polymer BENZAMIDINE
7 water water
#
loop_
_entity_poly.entity_id
_entity_poly.type
_entity_poly.pdbx_seq_one_letter_code
_entity_poly.pdbx_strand_id
1 'polypeptide(L)'
;MEFGFWSALYIFVLTCFLGYELITRVPVILHTPLMSGSNFIHGVVVVGAMVVLGHAETGLEKLIGFLGVILGAANAAGGY
AVTVRMLEMFERKP
;
A
2 'polypeptide(L)'
;MDLIQAAYFVVAILFIVGLKRMAHPTTAKSGIVWAGWGMVLAVLATFFWPGMGNFALILLALLLGSVVAWWAAVRVAMTD
MPQMVAIYNGMGGGAAATIAAVELLKGAFENTGLMALAILGGLIGSVAFTGSLIAFAKLQGIMKSRPILFPGQKAVNALV
LALTVVIGLSLLWNDATASIVLFFLLALLFGVLMTLPIGGGDMPVAISFYNAFTGMAVGFEGFAVGNPALMVAGTLVGAA
GTLLTVLMARAMNRSVWISVLVGG
;
B
#
loop_
_chem_comp.id
_chem_comp.type
_chem_comp.name
_chem_comp.formula
1PE non-polymer 'PENTAETHYLENE GLYCOL' 'C10 H22 O6'
BEN non-polymer BENZAMIDINE 'C7 H8 N2'
OLC non-polymer '(2R)-2,3-dihydroxypropyl (9Z)-octadec-9-enoate' 'C21 H40 O4'
PEG non-polymer DI(HYDROXYETHYL)ETHER 'C4 H10 O3'
#
# COMPACT_ATOMS: atom_id res chain seq x y z
N MET A 1 7.71 4.18 -20.53
CA MET A 1 6.34 3.61 -20.23
C MET A 1 5.26 4.61 -19.78
N GLU A 2 5.53 5.91 -19.90
CA GLU A 2 4.57 6.97 -19.55
C GLU A 2 3.45 7.14 -20.63
N PHE A 3 2.23 7.46 -20.16
CA PHE A 3 1.10 7.92 -21.02
C PHE A 3 1.04 9.44 -20.95
N GLY A 4 0.45 10.08 -21.93
CA GLY A 4 0.16 11.51 -21.81
C GLY A 4 -0.66 11.91 -20.58
N PHE A 5 -0.63 13.21 -20.26
CA PHE A 5 -1.31 13.83 -19.12
C PHE A 5 -2.81 13.60 -19.08
N TRP A 6 -3.48 13.79 -20.23
CA TRP A 6 -4.94 13.78 -20.25
C TRP A 6 -5.45 12.38 -20.19
N SER A 7 -4.77 11.50 -20.91
CA SER A 7 -5.04 10.05 -20.83
C SER A 7 -4.81 9.46 -19.44
N ALA A 8 -3.69 9.82 -18.81
CA ALA A 8 -3.46 9.45 -17.44
C ALA A 8 -4.53 9.98 -16.52
N LEU A 9 -5.00 11.22 -16.77
CA LEU A 9 -6.00 11.79 -15.90
C LEU A 9 -7.31 11.03 -16.04
N TYR A 10 -7.75 10.74 -17.27
CA TYR A 10 -8.92 9.85 -17.49
C TYR A 10 -8.78 8.51 -16.80
N ILE A 11 -7.63 7.83 -17.00
CA ILE A 11 -7.35 6.58 -16.27
C ILE A 11 -7.51 6.69 -14.71
N PHE A 12 -7.10 7.82 -14.14
CA PHE A 12 -7.21 8.06 -12.70
C PHE A 12 -8.67 8.18 -12.29
N VAL A 13 -9.47 9.02 -12.98
CA VAL A 13 -10.84 9.17 -12.47
C VAL A 13 -11.73 7.94 -12.73
N LEU A 14 -11.57 7.34 -13.89
CA LEU A 14 -12.33 6.13 -14.23
C LEU A 14 -12.02 4.97 -13.28
N THR A 15 -10.78 4.77 -12.98
CA THR A 15 -10.39 3.70 -12.01
C THR A 15 -10.84 3.95 -10.57
N CYS A 16 -10.83 5.23 -10.22
CA CYS A 16 -11.35 5.70 -8.96
C CYS A 16 -12.83 5.54 -8.86
N PHE A 17 -13.57 6.08 -9.86
CA PHE A 17 -15.03 5.72 -9.88
C PHE A 17 -15.27 4.16 -9.79
N LEU A 18 -14.47 3.39 -10.52
CA LEU A 18 -14.67 1.93 -10.56
C LEU A 18 -14.47 1.25 -9.22
N GLY A 19 -13.38 1.61 -8.52
CA GLY A 19 -13.03 0.91 -7.30
C GLY A 19 -14.03 1.15 -6.23
N TYR A 20 -14.45 2.40 -6.12
CA TYR A 20 -15.60 2.81 -5.31
C TYR A 20 -16.87 2.03 -5.59
N GLU A 21 -17.27 2.01 -6.86
CA GLU A 21 -18.52 1.33 -7.23
C GLU A 21 -18.50 -0.19 -7.04
N LEU A 22 -17.38 -0.88 -7.24
CA LEU A 22 -17.33 -2.35 -6.99
C LEU A 22 -17.60 -2.80 -5.54
N ILE A 23 -17.47 -1.88 -4.58
CA ILE A 23 -17.62 -2.12 -3.12
C ILE A 23 -18.98 -1.72 -2.52
N THR A 24 -19.82 -1.02 -3.26
CA THR A 24 -21.19 -0.70 -2.77
C THR A 24 -21.96 -2.05 -2.66
N ARG A 25 -22.72 -2.25 -1.60
CA ARG A 25 -23.40 -3.58 -1.41
C ARG A 25 -22.55 -4.79 -1.01
N VAL A 26 -21.26 -4.61 -0.74
CA VAL A 26 -20.48 -5.69 -0.10
C VAL A 26 -21.23 -6.02 1.22
N PRO A 27 -21.50 -7.31 1.46
CA PRO A 27 -22.10 -7.64 2.77
C PRO A 27 -21.04 -7.58 3.89
N VAL A 28 -21.52 -7.32 5.11
CA VAL A 28 -20.69 -7.17 6.33
C VAL A 28 -19.69 -8.29 6.54
N ILE A 29 -20.07 -9.53 6.33
CA ILE A 29 -19.15 -10.65 6.51
C ILE A 29 -17.95 -10.67 5.55
N LEU A 30 -17.96 -9.83 4.52
CA LEU A 30 -16.87 -9.78 3.57
C LEU A 30 -16.03 -8.54 3.84
N HIS A 31 -16.35 -7.77 4.86
CA HIS A 31 -15.57 -6.57 5.07
C HIS A 31 -14.10 -6.94 5.26
N THR A 32 -13.78 -7.86 6.14
CA THR A 32 -12.36 -8.05 6.43
C THR A 32 -11.63 -8.85 5.34
N PRO A 33 -12.28 -9.89 4.78
CA PRO A 33 -11.67 -10.52 3.61
C PRO A 33 -11.40 -9.58 2.41
N LEU A 34 -12.28 -8.61 2.19
CA LEU A 34 -12.08 -7.63 1.13
C LEU A 34 -10.93 -6.69 1.44
N MET A 35 -10.83 -6.27 2.70
CA MET A 35 -9.73 -5.41 3.12
C MET A 35 -8.42 -6.13 2.80
N SER A 36 -8.38 -7.41 3.17
CA SER A 36 -7.24 -8.24 2.93
C SER A 36 -6.97 -8.49 1.45
N GLY A 37 -7.98 -8.85 0.66
CA GLY A 37 -7.79 -8.96 -0.80
C GLY A 37 -7.29 -7.65 -1.48
N SER A 38 -7.88 -6.50 -1.08
CA SER A 38 -7.44 -5.21 -1.62
C SER A 38 -6.02 -4.83 -1.17
N ASN A 39 -5.66 -5.20 0.07
CA ASN A 39 -4.34 -5.06 0.58
C ASN A 39 -3.37 -5.86 -0.31
N PHE A 40 -3.75 -7.09 -0.70
CA PHE A 40 -2.85 -7.90 -1.52
C PHE A 40 -2.60 -7.19 -2.89
N ILE A 41 -3.67 -6.65 -3.47
CA ILE A 41 -3.54 -5.97 -4.78
C ILE A 41 -2.54 -4.80 -4.76
N HIS A 42 -2.59 -3.88 -3.75
CA HIS A 42 -1.63 -2.77 -3.74
C HIS A 42 -0.16 -3.27 -3.52
N GLY A 43 -0.02 -4.55 -3.14
CA GLY A 43 1.22 -5.36 -3.25
C GLY A 43 2.01 -5.27 -4.53
N VAL A 44 1.30 -4.97 -5.61
CA VAL A 44 1.93 -4.74 -6.89
C VAL A 44 2.93 -3.59 -6.83
N VAL A 45 2.97 -2.80 -5.74
CA VAL A 45 4.08 -1.85 -5.43
C VAL A 45 5.49 -2.46 -5.55
N VAL A 46 5.60 -3.76 -5.34
CA VAL A 46 6.90 -4.49 -5.53
C VAL A 46 7.55 -4.25 -6.90
N VAL A 47 6.71 -4.17 -7.92
CA VAL A 47 7.13 -3.93 -9.25
C VAL A 47 7.79 -2.58 -9.44
N GLY A 48 7.24 -1.53 -8.85
CA GLY A 48 7.84 -0.23 -8.95
C GLY A 48 9.13 -0.21 -8.14
N ALA A 49 9.17 -0.88 -7.00
CA ALA A 49 10.47 -1.03 -6.24
C ALA A 49 11.50 -1.85 -7.04
N MET A 50 11.06 -2.84 -7.84
CA MET A 50 11.99 -3.58 -8.72
C MET A 50 12.68 -2.64 -9.71
N VAL A 51 11.92 -1.74 -10.29
CA VAL A 51 12.46 -0.83 -11.34
C VAL A 51 13.46 0.13 -10.68
N VAL A 52 13.11 0.64 -9.48
CA VAL A 52 14.05 1.45 -8.72
C VAL A 52 15.35 0.69 -8.42
N LEU A 53 15.27 -0.48 -7.84
CA LEU A 53 16.48 -1.19 -7.55
C LEU A 53 17.27 -1.50 -8.84
N GLY A 54 16.54 -1.86 -9.91
CA GLY A 54 17.08 -2.12 -11.21
C GLY A 54 17.84 -0.96 -11.88
N HIS A 55 17.52 0.30 -11.57
CA HIS A 55 18.22 1.47 -12.11
C HIS A 55 19.16 2.15 -11.10
N ALA A 56 19.24 1.60 -9.89
CA ALA A 56 20.06 2.24 -8.86
C ALA A 56 21.60 2.20 -9.19
N GLU A 57 22.28 3.35 -9.15
CA GLU A 57 23.73 3.42 -9.44
C GLU A 57 24.66 3.48 -8.17
N THR A 58 24.20 4.00 -7.03
CA THR A 58 25.03 4.17 -5.80
C THR A 58 24.65 3.14 -4.76
N GLY A 59 25.55 2.91 -3.82
CA GLY A 59 25.29 2.09 -2.65
C GLY A 59 24.01 2.45 -1.87
N LEU A 60 23.70 3.74 -1.80
CA LEU A 60 22.52 4.21 -1.04
C LEU A 60 21.22 3.89 -1.76
N GLU A 61 21.23 4.20 -3.06
CA GLU A 61 20.12 3.88 -3.93
C GLU A 61 19.85 2.40 -3.89
N LYS A 62 20.90 1.60 -3.85
CA LYS A 62 20.75 0.17 -3.85
C LYS A 62 20.20 -0.36 -2.61
N LEU A 63 20.64 0.20 -1.48
CA LEU A 63 20.23 -0.22 -0.18
C LEU A 63 18.74 0.19 0.02
N ILE A 64 18.35 1.41 -0.38
CA ILE A 64 16.96 1.82 -0.19
C ILE A 64 16.00 0.97 -1.09
N GLY A 65 16.37 0.84 -2.36
CA GLY A 65 15.67 -0.08 -3.32
C GLY A 65 15.62 -1.58 -2.91
N PHE A 66 16.70 -2.07 -2.35
CA PHE A 66 16.71 -3.42 -1.81
C PHE A 66 15.61 -3.56 -0.73
N LEU A 67 15.61 -2.65 0.22
CA LEU A 67 14.65 -2.64 1.32
C LEU A 67 13.18 -2.54 0.77
N GLY A 68 12.98 -1.72 -0.26
CA GLY A 68 11.64 -1.59 -0.86
C GLY A 68 11.10 -2.83 -1.55
N VAL A 69 11.98 -3.55 -2.25
CA VAL A 69 11.62 -4.82 -2.85
C VAL A 69 11.27 -5.85 -1.80
N ILE A 70 12.02 -5.91 -0.70
CA ILE A 70 11.63 -6.79 0.42
C ILE A 70 10.23 -6.40 0.94
N LEU A 71 10.02 -5.09 1.17
CA LEU A 71 8.76 -4.59 1.78
C LEU A 71 7.63 -4.89 0.80
N GLY A 72 7.86 -4.57 -0.49
CA GLY A 72 6.83 -4.85 -1.51
C GLY A 72 6.50 -6.32 -1.60
N ALA A 73 7.53 -7.16 -1.74
CA ALA A 73 7.37 -8.62 -1.76
C ALA A 73 6.64 -9.16 -0.55
N ALA A 74 6.95 -8.66 0.65
CA ALA A 74 6.18 -9.05 1.80
C ALA A 74 4.70 -8.73 1.70
N ASN A 75 4.39 -7.51 1.31
CA ASN A 75 2.97 -7.12 1.14
C ASN A 75 2.28 -8.12 0.18
N ALA A 76 2.92 -8.44 -0.93
CA ALA A 76 2.26 -9.28 -1.95
C ALA A 76 2.11 -10.73 -1.45
N ALA A 77 3.19 -11.33 -0.99
CA ALA A 77 3.12 -12.78 -0.63
C ALA A 77 2.26 -13.01 0.63
N GLY A 78 2.49 -12.20 1.65
CA GLY A 78 1.82 -12.39 2.95
C GLY A 78 0.35 -11.98 2.77
N GLY A 79 0.12 -10.92 2.00
CA GLY A 79 -1.24 -10.50 1.69
C GLY A 79 -2.05 -11.52 0.91
N TYR A 80 -1.37 -12.26 0.01
CA TYR A 80 -1.97 -13.35 -0.71
C TYR A 80 -2.34 -14.53 0.25
N ALA A 81 -1.34 -15.01 0.94
CA ALA A 81 -1.58 -16.10 1.91
C ALA A 81 -2.67 -15.82 2.93
N VAL A 82 -2.65 -14.63 3.54
CA VAL A 82 -3.68 -14.24 4.51
C VAL A 82 -5.09 -14.27 3.84
N THR A 83 -5.21 -13.72 2.64
CA THR A 83 -6.55 -13.63 1.94
C THR A 83 -7.06 -15.05 1.56
N VAL A 84 -6.17 -15.89 1.08
CA VAL A 84 -6.52 -17.29 0.80
C VAL A 84 -7.05 -18.01 2.05
N ARG A 85 -6.41 -17.81 3.20
CA ARG A 85 -6.89 -18.40 4.47
C ARG A 85 -8.22 -17.87 4.88
N MET A 86 -8.47 -16.55 4.78
CA MET A 86 -9.76 -16.02 5.20
C MET A 86 -10.90 -16.51 4.29
N LEU A 87 -10.64 -16.69 3.01
CA LEU A 87 -11.67 -17.12 2.12
C LEU A 87 -11.88 -18.65 2.09
N GLU A 88 -11.09 -19.45 2.81
CA GLU A 88 -11.51 -20.82 3.16
C GLU A 88 -12.84 -20.83 3.92
N MET A 89 -13.06 -19.82 4.77
CA MET A 89 -14.34 -19.61 5.51
C MET A 89 -15.61 -19.53 4.61
N PHE A 90 -15.45 -19.68 3.28
CA PHE A 90 -16.58 -19.72 2.33
C PHE A 90 -16.66 -21.12 1.69
N GLU A 91 -16.63 -22.12 2.60
CA GLU A 91 -16.60 -23.58 2.33
C GLU A 91 -17.26 -24.37 3.51
N ARG A 92 -17.12 -25.71 3.55
CA ARG A 92 -17.56 -26.60 4.68
C ARG A 92 -16.44 -27.06 5.66
N LYS A 93 -15.95 -28.31 5.49
CA LYS A 93 -15.22 -29.07 6.52
C LYS A 93 -14.91 -30.48 5.94
N PRO A 94 -13.66 -30.71 5.45
CA PRO A 94 -13.25 -32.04 4.97
C PRO A 94 -12.59 -32.87 6.09
N MET B 1 8.35 -1.08 -26.17
CA MET B 1 7.99 -2.04 -25.09
C MET B 1 6.46 -2.30 -24.98
N ASP B 2 5.95 -2.70 -26.14
CA ASP B 2 4.65 -3.30 -26.33
C ASP B 2 4.30 -4.57 -25.54
N LEU B 3 5.27 -5.45 -25.33
CA LEU B 3 5.03 -6.70 -24.58
C LEU B 3 4.84 -6.47 -23.08
N ILE B 4 5.64 -5.59 -22.48
CA ILE B 4 5.41 -5.14 -21.12
C ILE B 4 4.07 -4.36 -21.01
N GLN B 5 3.77 -3.45 -21.92
CA GLN B 5 2.43 -2.80 -21.92
C GLN B 5 1.29 -3.79 -22.00
N ALA B 6 1.47 -4.82 -22.84
CA ALA B 6 0.45 -5.83 -22.99
C ALA B 6 0.29 -6.62 -21.67
N ALA B 7 1.42 -6.95 -21.07
CA ALA B 7 1.40 -7.68 -19.81
C ALA B 7 0.67 -6.92 -18.71
N TYR B 8 1.07 -5.66 -18.49
CA TYR B 8 0.40 -4.73 -17.51
C TYR B 8 -1.06 -4.49 -17.72
N PHE B 9 -1.45 -4.31 -19.01
CA PHE B 9 -2.87 -4.36 -19.42
C PHE B 9 -3.57 -5.62 -18.91
N VAL B 10 -2.97 -6.77 -19.14
CA VAL B 10 -3.57 -8.01 -18.65
C VAL B 10 -3.66 -8.03 -17.12
N VAL B 11 -2.57 -7.61 -16.44
CA VAL B 11 -2.58 -7.46 -14.93
C VAL B 11 -3.74 -6.59 -14.40
N ALA B 12 -3.99 -5.39 -14.98
CA ALA B 12 -5.08 -4.57 -14.51
C ALA B 12 -6.42 -5.32 -14.62
N ILE B 13 -6.64 -6.02 -15.74
CA ILE B 13 -7.90 -6.77 -15.90
C ILE B 13 -8.08 -7.84 -14.83
N LEU B 14 -7.03 -8.62 -14.63
CA LEU B 14 -7.05 -9.64 -13.60
C LEU B 14 -7.28 -9.12 -12.17
N PHE B 15 -6.66 -7.99 -11.83
CA PHE B 15 -6.95 -7.33 -10.54
C PHE B 15 -8.41 -6.82 -10.45
N ILE B 16 -8.91 -6.22 -11.54
CA ILE B 16 -10.30 -5.73 -11.53
C ILE B 16 -11.27 -6.86 -11.41
N VAL B 17 -11.09 -7.92 -12.18
CA VAL B 17 -11.99 -9.10 -12.07
C VAL B 17 -11.81 -9.76 -10.71
N GLY B 18 -10.57 -9.85 -10.24
CA GLY B 18 -10.34 -10.39 -8.89
C GLY B 18 -11.11 -9.60 -7.82
N LEU B 19 -10.99 -8.27 -7.85
CA LEU B 19 -11.61 -7.42 -6.83
C LEU B 19 -13.13 -7.53 -6.89
N LYS B 20 -13.65 -7.48 -8.08
CA LYS B 20 -15.08 -7.67 -8.27
C LYS B 20 -15.56 -9.00 -7.66
N ARG B 21 -14.87 -10.09 -7.94
CA ARG B 21 -15.35 -11.41 -7.52
C ARG B 21 -15.22 -11.58 -6.01
N MET B 22 -14.18 -10.99 -5.42
CA MET B 22 -14.05 -10.92 -3.95
C MET B 22 -15.15 -10.14 -3.22
N ALA B 23 -15.89 -9.26 -3.91
CA ALA B 23 -16.97 -8.46 -3.23
C ALA B 23 -18.33 -9.20 -3.06
N HIS B 24 -18.44 -10.40 -3.67
CA HIS B 24 -19.66 -11.22 -3.62
C HIS B 24 -19.35 -12.57 -3.02
N PRO B 25 -20.19 -13.04 -2.11
CA PRO B 25 -19.90 -14.33 -1.44
C PRO B 25 -19.72 -15.54 -2.35
N THR B 26 -20.59 -15.71 -3.36
CA THR B 26 -20.48 -16.90 -4.22
C THR B 26 -19.21 -17.00 -5.06
N THR B 27 -18.64 -15.85 -5.46
CA THR B 27 -17.42 -15.82 -6.29
C THR B 27 -16.11 -15.45 -5.54
N ALA B 28 -16.19 -15.17 -4.24
CA ALA B 28 -15.03 -14.61 -3.45
C ALA B 28 -13.76 -15.42 -3.46
N LYS B 29 -13.89 -16.72 -3.23
CA LYS B 29 -12.75 -17.64 -3.26
C LYS B 29 -12.05 -17.61 -4.58
N SER B 30 -12.81 -17.67 -5.67
CA SER B 30 -12.16 -17.59 -6.99
C SER B 30 -11.48 -16.23 -7.24
N GLY B 31 -12.00 -15.15 -6.64
CA GLY B 31 -11.48 -13.79 -6.90
C GLY B 31 -10.02 -13.56 -6.46
N ILE B 32 -9.65 -14.07 -5.28
CA ILE B 32 -8.23 -14.03 -4.89
C ILE B 32 -7.30 -14.76 -5.90
N VAL B 33 -7.81 -15.81 -6.53
CA VAL B 33 -7.05 -16.58 -7.53
C VAL B 33 -6.78 -15.75 -8.81
N TRP B 34 -7.81 -15.13 -9.36
CA TRP B 34 -7.61 -14.22 -10.55
C TRP B 34 -6.58 -13.12 -10.24
N ALA B 35 -6.74 -12.51 -9.06
CA ALA B 35 -5.77 -11.54 -8.58
C ALA B 35 -4.36 -12.03 -8.43
N GLY B 36 -4.20 -13.19 -7.80
CA GLY B 36 -2.87 -13.84 -7.77
C GLY B 36 -2.15 -14.03 -9.11
N TRP B 37 -2.86 -14.51 -10.12
CA TRP B 37 -2.31 -14.57 -11.47
C TRP B 37 -1.88 -13.25 -11.98
N GLY B 38 -2.68 -12.17 -11.73
CA GLY B 38 -2.18 -10.88 -12.07
C GLY B 38 -0.87 -10.48 -11.44
N MET B 39 -0.74 -10.73 -10.15
CA MET B 39 0.48 -10.37 -9.45
C MET B 39 1.68 -11.14 -10.04
N VAL B 40 1.53 -12.46 -10.25
CA VAL B 40 2.60 -13.29 -10.90
C VAL B 40 3.05 -12.70 -12.25
N LEU B 41 2.05 -12.34 -13.09
CA LEU B 41 2.36 -11.79 -14.41
C LEU B 41 3.07 -10.43 -14.26
N ALA B 42 2.65 -9.62 -13.29
CA ALA B 42 3.28 -8.28 -13.11
C ALA B 42 4.78 -8.39 -12.75
N VAL B 43 5.05 -9.24 -11.79
CA VAL B 43 6.45 -9.44 -11.32
C VAL B 43 7.29 -10.02 -12.48
N LEU B 44 6.78 -11.06 -13.16
CA LEU B 44 7.46 -11.66 -14.31
C LEU B 44 7.74 -10.65 -15.40
N ALA B 45 6.73 -9.92 -15.83
CA ALA B 45 6.95 -8.93 -16.91
C ALA B 45 8.01 -7.89 -16.57
N THR B 46 8.15 -7.55 -15.28
CA THR B 46 8.97 -6.44 -14.88
C THR B 46 10.49 -6.69 -15.01
N PHE B 47 10.92 -7.96 -15.04
CA PHE B 47 12.33 -8.24 -15.30
C PHE B 47 12.79 -7.81 -16.69
N PHE B 48 11.86 -7.67 -17.64
CA PHE B 48 12.17 -7.20 -19.00
C PHE B 48 12.18 -5.69 -19.19
N TRP B 49 12.07 -4.91 -18.12
CA TRP B 49 12.04 -3.45 -18.26
C TRP B 49 13.38 -2.94 -18.85
N PRO B 50 13.36 -1.93 -19.75
CA PRO B 50 14.61 -1.47 -20.37
C PRO B 50 15.60 -0.85 -19.40
N GLY B 51 16.85 -1.26 -19.54
CA GLY B 51 17.93 -0.71 -18.73
C GLY B 51 18.08 -1.31 -17.35
N MET B 52 17.44 -2.43 -17.03
CA MET B 52 17.51 -2.94 -15.67
C MET B 52 18.85 -3.60 -15.42
N GLY B 53 19.43 -3.35 -14.26
CA GLY B 53 20.54 -4.08 -13.73
C GLY B 53 20.17 -4.66 -12.39
N ASN B 54 21.20 -5.11 -11.67
CA ASN B 54 21.11 -5.61 -10.28
C ASN B 54 20.18 -6.81 -10.14
N PHE B 55 20.24 -7.72 -11.11
CA PHE B 55 19.27 -8.82 -11.19
C PHE B 55 19.38 -9.74 -10.04
N ALA B 56 20.61 -9.91 -9.52
CA ALA B 56 20.80 -10.80 -8.29
C ALA B 56 20.25 -10.17 -7.03
N LEU B 57 20.46 -8.86 -6.85
CA LEU B 57 19.83 -8.09 -5.71
C LEU B 57 18.31 -8.16 -5.72
N ILE B 58 17.74 -7.94 -6.89
CA ILE B 58 16.31 -8.01 -7.08
C ILE B 58 15.84 -9.36 -6.67
N LEU B 59 16.46 -10.39 -7.19
CA LEU B 59 15.92 -11.74 -6.93
C LEU B 59 16.04 -12.13 -5.46
N LEU B 60 17.16 -11.75 -4.87
CA LEU B 60 17.38 -11.97 -3.41
C LEU B 60 16.31 -11.30 -2.53
N ALA B 61 16.03 -10.03 -2.84
CA ALA B 61 15.02 -9.26 -2.09
C ALA B 61 13.62 -9.81 -2.25
N LEU B 62 13.25 -10.17 -3.47
CA LEU B 62 11.99 -10.85 -3.69
C LEU B 62 11.85 -12.08 -2.84
N LEU B 63 12.86 -12.96 -2.89
CA LEU B 63 12.87 -14.14 -2.08
C LEU B 63 12.84 -13.86 -0.59
N LEU B 64 13.71 -13.00 -0.06
CA LEU B 64 13.64 -12.77 1.40
C LEU B 64 12.23 -12.27 1.87
N GLY B 65 11.70 -11.28 1.17
CA GLY B 65 10.43 -10.70 1.55
C GLY B 65 9.31 -11.67 1.55
N SER B 66 9.21 -12.39 0.45
CA SER B 66 8.06 -13.22 0.16
C SER B 66 8.11 -14.52 0.95
N VAL B 67 9.29 -15.11 1.15
CA VAL B 67 9.33 -16.38 1.91
C VAL B 67 8.96 -16.18 3.40
N VAL B 68 9.57 -15.20 4.03
CA VAL B 68 9.34 -14.90 5.43
C VAL B 68 7.87 -14.45 5.63
N ALA B 69 7.37 -13.60 4.73
CA ALA B 69 5.93 -13.19 4.81
C ALA B 69 5.00 -14.37 4.69
N TRP B 70 5.30 -15.26 3.73
N TRP B 70 5.30 -15.25 3.74
CA TRP B 70 4.48 -16.49 3.50
CA TRP B 70 4.53 -16.49 3.52
C TRP B 70 4.57 -17.40 4.72
C TRP B 70 4.57 -17.38 4.74
N TRP B 71 5.78 -17.55 5.24
CA TRP B 71 6.04 -18.39 6.41
C TRP B 71 5.23 -17.88 7.64
N ALA B 72 5.27 -16.57 7.91
CA ALA B 72 4.43 -16.00 8.98
C ALA B 72 2.95 -16.13 8.75
N ALA B 73 2.44 -15.83 7.53
CA ALA B 73 0.98 -15.91 7.20
C ALA B 73 0.33 -17.27 7.51
N VAL B 74 1.05 -18.34 7.20
CA VAL B 74 0.46 -19.70 7.27
C VAL B 74 0.60 -20.31 8.64
N ARG B 75 1.44 -19.77 9.52
CA ARG B 75 1.62 -20.31 10.87
C ARG B 75 0.86 -19.61 12.05
N VAL B 76 0.37 -18.38 11.87
CA VAL B 76 -0.38 -17.69 12.93
C VAL B 76 -1.78 -18.26 13.06
N ALA B 77 -2.34 -18.22 14.26
CA ALA B 77 -3.79 -18.53 14.44
C ALA B 77 -4.66 -17.63 13.56
N MET B 78 -5.84 -18.10 13.12
CA MET B 78 -6.78 -17.36 12.23
C MET B 78 -7.42 -16.13 12.89
N THR B 79 -7.59 -16.34 14.17
CA THR B 79 -7.99 -15.28 15.07
C THR B 79 -7.08 -14.03 14.89
N ASP B 80 -5.81 -14.22 14.47
CA ASP B 80 -4.80 -13.14 14.32
C ASP B 80 -4.69 -12.51 12.91
N MET B 81 -5.65 -12.76 12.02
CA MET B 81 -5.58 -12.22 10.69
C MET B 81 -5.69 -10.67 10.61
N PRO B 82 -6.45 -10.02 11.51
CA PRO B 82 -6.51 -8.58 11.33
C PRO B 82 -5.18 -7.91 11.56
N GLN B 83 -4.39 -8.37 12.52
CA GLN B 83 -3.07 -7.79 12.66
C GLN B 83 -2.10 -8.09 11.51
N MET B 84 -2.29 -9.22 10.85
CA MET B 84 -1.40 -9.63 9.77
C MET B 84 -1.74 -8.72 8.57
N VAL B 85 -3.00 -8.44 8.38
CA VAL B 85 -3.34 -7.41 7.40
C VAL B 85 -2.64 -6.08 7.65
N ALA B 86 -2.58 -5.66 8.93
CA ALA B 86 -1.88 -4.45 9.31
C ALA B 86 -0.43 -4.43 8.92
N ILE B 87 0.28 -5.50 9.25
CA ILE B 87 1.78 -5.43 9.09
C ILE B 87 2.10 -5.50 7.56
N TYR B 88 1.35 -6.31 6.80
CA TYR B 88 1.53 -6.36 5.37
C TYR B 88 1.12 -5.10 4.68
N ASN B 89 0.03 -4.50 5.15
CA ASN B 89 -0.28 -3.14 4.73
C ASN B 89 0.79 -2.14 5.00
N GLY B 90 1.30 -2.09 6.25
CA GLY B 90 2.43 -1.18 6.60
C GLY B 90 3.60 -1.29 5.64
N MET B 91 3.96 -2.54 5.35
CA MET B 91 5.10 -2.83 4.47
C MET B 91 4.91 -2.30 3.07
N GLY B 92 3.71 -2.44 2.49
CA GLY B 92 3.46 -1.84 1.22
C GLY B 92 3.56 -0.33 1.16
N GLY B 93 3.05 0.31 2.20
CA GLY B 93 3.19 1.76 2.37
C GLY B 93 4.66 2.18 2.43
N GLY B 94 5.45 1.39 3.16
CA GLY B 94 6.92 1.57 3.22
C GLY B 94 7.54 1.47 1.85
N ALA B 95 7.13 0.44 1.10
CA ALA B 95 7.62 0.25 -0.27
C ALA B 95 7.30 1.50 -1.16
N ALA B 96 6.10 2.05 -1.09
CA ALA B 96 5.81 3.32 -1.86
C ALA B 96 6.73 4.45 -1.44
N ALA B 97 6.92 4.62 -0.13
CA ALA B 97 7.83 5.59 0.42
C ALA B 97 9.27 5.46 -0.10
N THR B 98 9.78 4.22 -0.25
CA THR B 98 11.12 4.06 -0.76
C THR B 98 11.22 4.49 -2.20
N ILE B 99 10.22 4.15 -3.05
CA ILE B 99 10.20 4.60 -4.44
C ILE B 99 10.30 6.15 -4.44
N ALA B 100 9.43 6.86 -3.71
CA ALA B 100 9.51 8.34 -3.62
C ALA B 100 10.91 8.88 -3.12
N ALA B 101 11.48 8.25 -2.09
CA ALA B 101 12.76 8.69 -1.52
C ALA B 101 13.88 8.59 -2.54
N VAL B 102 14.07 7.43 -3.17
CA VAL B 102 15.14 7.29 -4.18
C VAL B 102 14.98 8.34 -5.31
N GLU B 103 13.77 8.59 -5.77
CA GLU B 103 13.58 9.45 -6.92
C GLU B 103 13.81 10.90 -6.53
N LEU B 104 13.44 11.26 -5.32
CA LEU B 104 13.75 12.59 -4.78
C LEU B 104 15.25 12.75 -4.56
N LEU B 105 15.93 11.72 -4.08
CA LEU B 105 17.39 11.78 -3.89
C LEU B 105 18.14 11.89 -5.22
N LYS B 106 17.75 11.12 -6.24
CA LYS B 106 18.28 11.26 -7.62
C LYS B 106 17.98 12.60 -8.28
N GLY B 107 17.03 13.40 -7.76
CA GLY B 107 16.53 14.55 -8.49
C GLY B 107 15.96 14.15 -9.86
N ALA B 108 15.23 13.03 -9.92
CA ALA B 108 14.79 12.44 -11.19
C ALA B 108 13.64 13.22 -11.89
N PHE B 109 12.96 14.13 -11.19
CA PHE B 109 11.80 14.82 -11.75
C PHE B 109 12.17 16.14 -12.38
N GLU B 110 11.95 16.29 -13.69
CA GLU B 110 12.12 17.59 -14.36
C GLU B 110 10.84 18.41 -14.20
N ASN B 111 9.70 17.70 -14.15
CA ASN B 111 8.37 18.31 -13.97
C ASN B 111 7.98 18.51 -12.46
N THR B 112 7.55 19.71 -12.11
CA THR B 112 7.13 20.05 -10.77
C THR B 112 5.90 19.27 -10.30
N GLY B 113 4.95 19.05 -11.23
CA GLY B 113 3.70 18.34 -10.93
C GLY B 113 3.98 16.87 -10.63
N LEU B 114 4.86 16.24 -11.38
CA LEU B 114 5.20 14.85 -11.12
C LEU B 114 5.94 14.73 -9.80
N MET B 115 6.72 15.77 -9.44
CA MET B 115 7.43 15.85 -8.18
C MET B 115 6.43 15.89 -7.00
N ALA B 116 5.47 16.80 -7.09
CA ALA B 116 4.45 16.93 -6.07
C ALA B 116 3.78 15.60 -5.79
N LEU B 117 3.37 14.90 -6.86
CA LEU B 117 2.77 13.57 -6.74
C LEU B 117 3.66 12.58 -5.99
N ALA B 118 4.96 12.64 -6.28
CA ALA B 118 5.89 11.71 -5.66
C ALA B 118 5.98 12.04 -4.17
N ILE B 119 5.97 13.35 -3.88
CA ILE B 119 6.01 13.84 -2.50
C ILE B 119 4.76 13.44 -1.68
N LEU B 120 3.60 13.61 -2.28
CA LEU B 120 2.35 13.29 -1.61
C LEU B 120 2.26 11.75 -1.33
N GLY B 121 2.70 10.96 -2.29
CA GLY B 121 2.68 9.51 -2.10
C GLY B 121 3.66 9.09 -1.01
N GLY B 122 4.78 9.79 -0.93
CA GLY B 122 5.73 9.57 0.13
C GLY B 122 5.19 9.91 1.54
N LEU B 123 4.51 11.03 1.71
CA LEU B 123 3.90 11.35 3.00
C LEU B 123 2.92 10.27 3.42
N ILE B 124 2.06 9.89 2.48
CA ILE B 124 0.92 9.01 2.77
C ILE B 124 1.39 7.61 3.00
N GLY B 125 2.32 7.13 2.17
CA GLY B 125 2.99 5.80 2.38
C GLY B 125 3.71 5.65 3.72
N SER B 126 4.52 6.66 4.05
CA SER B 126 5.16 6.80 5.42
C SER B 126 4.21 6.75 6.62
N VAL B 127 3.22 7.62 6.60
CA VAL B 127 2.20 7.58 7.65
C VAL B 127 1.59 6.16 7.82
N ALA B 128 1.24 5.53 6.69
CA ALA B 128 0.66 4.17 6.67
C ALA B 128 1.61 3.11 7.18
N PHE B 129 2.88 3.23 6.80
CA PHE B 129 3.96 2.39 7.33
C PHE B 129 3.97 2.38 8.86
N THR B 130 4.12 3.52 9.52
CA THR B 130 4.29 3.50 11.01
C THR B 130 2.96 3.36 11.69
N GLY B 131 1.95 3.92 11.08
CA GLY B 131 0.57 3.75 11.55
C GLY B 131 0.12 2.30 11.60
N SER B 132 0.42 1.58 10.54
CA SER B 132 0.10 0.15 10.43
C SER B 132 0.94 -0.71 11.33
N LEU B 133 2.22 -0.37 11.51
CA LEU B 133 3.05 -1.02 12.54
C LEU B 133 2.58 -0.85 14.00
N ILE B 134 2.08 0.32 14.37
CA ILE B 134 1.53 0.49 15.66
C ILE B 134 0.26 -0.30 15.80
N ALA B 135 -0.62 -0.27 14.78
CA ALA B 135 -1.86 -1.10 14.83
C ALA B 135 -1.51 -2.59 15.08
N PHE B 136 -0.59 -3.13 14.29
CA PHE B 136 -0.04 -4.49 14.54
C PHE B 136 0.46 -4.72 16.02
N ALA B 137 1.34 -3.83 16.48
CA ALA B 137 1.97 -3.96 17.84
C ALA B 137 0.96 -3.92 18.96
N LYS B 138 -0.04 -3.02 18.85
CA LYS B 138 -1.18 -3.04 19.75
C LYS B 138 -2.03 -4.32 19.74
N LEU B 139 -2.42 -4.86 18.59
CA LEU B 139 -3.25 -6.07 18.56
C LEU B 139 -2.40 -7.33 18.87
N GLN B 140 -1.14 -7.33 18.54
CA GLN B 140 -0.26 -8.47 18.79
C GLN B 140 0.09 -8.71 20.29
N GLY B 141 0.23 -7.64 21.09
CA GLY B 141 0.65 -7.72 22.51
C GLY B 141 1.99 -7.03 22.80
N ILE B 142 2.73 -6.71 21.77
CA ILE B 142 4.02 -6.06 21.93
C ILE B 142 3.80 -4.73 22.62
N MET B 143 2.70 -4.05 22.29
CA MET B 143 2.19 -2.91 23.05
C MET B 143 0.87 -3.36 23.64
N LYS B 144 0.43 -2.64 24.64
CA LYS B 144 -0.95 -2.77 25.12
C LYS B 144 -1.90 -2.21 24.06
N SER B 145 -3.13 -2.74 24.07
CA SER B 145 -4.21 -2.37 23.12
C SER B 145 -4.92 -1.05 23.48
N ARG B 146 -4.77 -0.63 24.71
CA ARG B 146 -5.51 0.52 25.20
C ARG B 146 -5.05 1.86 24.57
N PRO B 147 -5.97 2.88 24.51
CA PRO B 147 -5.56 4.22 24.12
C PRO B 147 -4.33 4.74 24.95
N ILE B 148 -3.40 5.35 24.24
CA ILE B 148 -2.29 6.10 24.83
C ILE B 148 -2.63 7.60 24.65
N LEU B 149 -3.20 8.21 25.70
CA LEU B 149 -3.68 9.59 25.73
C LEU B 149 -2.73 10.46 26.52
N PHE B 150 -2.78 11.76 26.26
CA PHE B 150 -1.94 12.71 26.99
C PHE B 150 -2.40 14.16 26.86
N PRO B 151 -1.92 15.04 27.78
CA PRO B 151 -2.04 16.51 27.69
C PRO B 151 -1.74 17.16 26.32
N GLY B 152 -2.77 17.75 25.70
CA GLY B 152 -2.57 18.49 24.42
C GLY B 152 -2.08 17.71 23.19
N GLN B 153 -2.56 16.46 23.07
CA GLN B 153 -2.22 15.47 22.03
C GLN B 153 -2.79 15.88 20.68
N LYS B 154 -4.06 16.25 20.65
CA LYS B 154 -4.66 16.71 19.40
C LYS B 154 -3.83 17.82 18.74
N ALA B 155 -3.43 18.79 19.55
CA ALA B 155 -2.64 19.94 19.05
C ALA B 155 -1.23 19.55 18.62
N VAL B 156 -0.60 18.70 19.42
CA VAL B 156 0.69 18.16 19.00
C VAL B 156 0.59 17.48 17.64
N ASN B 157 -0.42 16.66 17.45
CA ASN B 157 -0.52 15.83 16.23
C ASN B 157 -0.72 16.73 15.03
N ALA B 158 -1.58 17.73 15.21
CA ALA B 158 -1.85 18.72 14.15
C ALA B 158 -0.63 19.54 13.79
N LEU B 159 0.09 19.92 14.80
CA LEU B 159 1.32 20.69 14.58
C LEU B 159 2.38 19.89 13.82
N VAL B 160 2.53 18.59 14.15
CA VAL B 160 3.43 17.69 13.39
C VAL B 160 2.96 17.49 11.96
N LEU B 161 1.64 17.36 11.75
CA LEU B 161 1.16 17.20 10.36
C LEU B 161 1.46 18.47 9.58
N ALA B 162 1.16 19.65 10.15
CA ALA B 162 1.33 20.93 9.46
C ALA B 162 2.78 21.16 9.05
N LEU B 163 3.69 20.85 9.97
CA LEU B 163 5.09 20.91 9.74
C LEU B 163 5.58 19.87 8.72
N THR B 164 5.01 18.67 8.75
CA THR B 164 5.35 17.66 7.72
C THR B 164 4.94 18.18 6.33
N VAL B 165 3.76 18.76 6.24
CA VAL B 165 3.29 19.30 4.95
C VAL B 165 4.10 20.54 4.48
N VAL B 166 4.51 21.42 5.39
CA VAL B 166 5.31 22.63 5.02
C VAL B 166 6.65 22.16 4.48
N ILE B 167 7.31 21.27 5.19
CA ILE B 167 8.62 20.78 4.68
C ILE B 167 8.52 19.97 3.36
N GLY B 168 7.42 19.22 3.21
CA GLY B 168 7.17 18.57 1.94
C GLY B 168 7.03 19.51 0.73
N LEU B 169 6.16 20.52 0.89
CA LEU B 169 5.97 21.60 -0.08
C LEU B 169 7.25 22.34 -0.41
N SER B 170 8.01 22.72 0.61
CA SER B 170 9.35 23.35 0.44
C SER B 170 10.30 22.56 -0.48
N LEU B 171 10.13 21.24 -0.62
CA LEU B 171 10.97 20.47 -1.53
C LEU B 171 10.76 20.82 -3.04
N LEU B 172 9.59 21.31 -3.37
CA LEU B 172 9.37 21.83 -4.69
C LEU B 172 10.28 23.05 -5.06
N TRP B 173 10.84 23.75 -4.06
CA TRP B 173 11.69 24.96 -4.21
C TRP B 173 13.16 24.61 -3.91
N ASN B 174 13.41 23.73 -2.94
CA ASN B 174 14.76 23.32 -2.53
C ASN B 174 14.74 21.88 -2.01
N ASP B 175 15.38 20.99 -2.75
CA ASP B 175 15.37 19.55 -2.51
C ASP B 175 16.65 19.01 -1.94
N ALA B 176 17.18 19.74 -0.95
CA ALA B 176 18.46 19.38 -0.30
C ALA B 176 18.26 18.08 0.39
N THR B 177 19.32 17.27 0.47
CA THR B 177 19.22 15.99 1.12
C THR B 177 18.64 16.11 2.54
N ALA B 178 19.03 17.14 3.30
CA ALA B 178 18.61 17.24 4.71
C ALA B 178 17.12 17.45 4.81
N SER B 179 16.55 18.19 3.85
CA SER B 179 15.11 18.44 3.82
C SER B 179 14.28 17.17 3.54
N ILE B 180 14.78 16.36 2.62
CA ILE B 180 14.24 15.08 2.23
C ILE B 180 14.18 14.20 3.43
N VAL B 181 15.32 13.97 4.09
CA VAL B 181 15.35 13.08 5.27
C VAL B 181 14.45 13.60 6.36
N LEU B 182 14.32 14.92 6.45
CA LEU B 182 13.51 15.46 7.52
C LEU B 182 12.00 15.24 7.29
N PHE B 183 11.62 15.33 6.01
CA PHE B 183 10.24 15.14 5.56
C PHE B 183 9.81 13.72 5.88
N PHE B 184 10.63 12.74 5.51
CA PHE B 184 10.28 11.34 5.77
C PHE B 184 10.12 11.01 7.25
N LEU B 185 11.10 11.46 8.03
CA LEU B 185 11.10 11.29 9.50
C LEU B 185 9.93 11.94 10.20
N LEU B 186 9.54 13.15 9.81
CA LEU B 186 8.32 13.74 10.29
C LEU B 186 7.01 12.96 9.87
N ALA B 187 6.94 12.45 8.61
CA ALA B 187 5.80 11.64 8.15
C ALA B 187 5.72 10.34 8.91
N LEU B 188 6.86 9.69 9.09
CA LEU B 188 6.97 8.49 9.96
C LEU B 188 6.54 8.71 11.43
N LEU B 189 6.98 9.83 12.01
CA LEU B 189 6.55 10.19 13.39
C LEU B 189 5.00 10.43 13.52
N PHE B 190 4.44 11.16 12.58
CA PHE B 190 2.97 11.32 12.44
C PHE B 190 2.13 10.03 12.39
N GLY B 191 2.59 9.01 11.68
CA GLY B 191 1.93 7.70 11.66
C GLY B 191 1.83 7.13 13.05
N VAL B 192 2.93 7.25 13.81
CA VAL B 192 2.98 6.83 15.23
C VAL B 192 2.01 7.62 16.04
N LEU B 193 2.08 8.95 15.95
CA LEU B 193 1.21 9.81 16.74
C LEU B 193 -0.26 9.59 16.56
N MET B 194 -0.63 9.34 15.31
CA MET B 194 -2.03 9.17 14.91
C MET B 194 -2.67 7.89 15.42
N THR B 195 -1.89 6.82 15.53
CA THR B 195 -2.42 5.55 15.99
C THR B 195 -2.42 5.40 17.48
N LEU B 196 -1.53 6.12 18.19
CA LEU B 196 -1.47 6.00 19.69
C LEU B 196 -2.79 6.12 20.45
N PRO B 197 -3.64 7.10 20.13
CA PRO B 197 -4.90 7.17 20.84
C PRO B 197 -5.94 6.13 20.49
N ILE B 198 -5.66 5.18 19.58
CA ILE B 198 -6.71 4.34 19.07
C ILE B 198 -6.67 3.06 19.84
N GLY B 199 -7.81 2.75 20.42
CA GLY B 199 -8.02 1.51 21.13
C GLY B 199 -8.20 0.29 20.28
N GLY B 200 -8.33 -0.83 20.99
CA GLY B 200 -8.33 -2.15 20.39
C GLY B 200 -9.51 -2.40 19.46
N GLY B 201 -10.72 -2.12 19.93
CA GLY B 201 -11.95 -2.39 19.20
C GLY B 201 -12.16 -1.49 17.96
N ASP B 202 -11.65 -0.28 18.02
CA ASP B 202 -11.62 0.67 16.91
C ASP B 202 -10.55 0.37 15.84
N MET B 203 -9.64 -0.53 16.14
CA MET B 203 -8.43 -0.69 15.29
C MET B 203 -8.71 -1.23 13.85
N PRO B 204 -9.71 -2.11 13.66
CA PRO B 204 -10.08 -2.51 12.28
C PRO B 204 -10.38 -1.37 11.36
N VAL B 205 -11.06 -0.32 11.87
CA VAL B 205 -11.30 0.88 11.07
C VAL B 205 -10.02 1.61 10.72
N ALA B 206 -9.11 1.76 11.67
CA ALA B 206 -7.88 2.45 11.41
C ALA B 206 -7.05 1.70 10.38
N ILE B 207 -7.07 0.37 10.46
CA ILE B 207 -6.34 -0.48 9.57
C ILE B 207 -6.93 -0.40 8.14
N SER B 208 -8.26 -0.44 8.04
CA SER B 208 -8.93 -0.20 6.76
C SER B 208 -8.50 1.16 6.17
N PHE B 209 -8.50 2.21 6.99
CA PHE B 209 -8.09 3.57 6.59
C PHE B 209 -6.61 3.61 6.09
N TYR B 210 -5.71 2.93 6.78
CA TYR B 210 -4.30 2.82 6.32
C TYR B 210 -4.16 1.99 5.05
N ASN B 211 -5.08 1.04 4.85
CA ASN B 211 -5.15 0.30 3.62
C ASN B 211 -5.46 1.18 2.44
N ALA B 212 -6.41 2.07 2.63
CA ALA B 212 -6.81 3.07 1.64
C ALA B 212 -5.67 3.97 1.38
N PHE B 213 -5.02 4.43 2.45
CA PHE B 213 -3.85 5.25 2.29
C PHE B 213 -2.72 4.63 1.49
N THR B 214 -2.34 3.35 1.76
CA THR B 214 -1.28 2.70 0.96
C THR B 214 -1.66 2.57 -0.51
N GLY B 215 -2.91 2.21 -0.77
CA GLY B 215 -3.35 2.16 -2.14
C GLY B 215 -3.11 3.48 -2.84
N MET B 216 -3.63 4.55 -2.27
CA MET B 216 -3.39 5.92 -2.80
C MET B 216 -1.89 6.26 -2.99
N ALA B 217 -1.09 5.94 -1.99
CA ALA B 217 0.31 6.13 -2.13
C ALA B 217 0.87 5.33 -3.30
N VAL B 218 0.48 4.06 -3.42
CA VAL B 218 0.98 3.32 -4.53
C VAL B 218 0.54 3.94 -5.91
N GLY B 219 -0.69 4.38 -5.98
CA GLY B 219 -1.23 5.04 -7.19
C GLY B 219 -0.45 6.29 -7.55
N PHE B 220 -0.20 7.14 -6.53
CA PHE B 220 0.52 8.39 -6.69
C PHE B 220 1.93 8.17 -7.19
N GLU B 221 2.60 7.13 -6.68
CA GLU B 221 3.97 6.82 -7.14
C GLU B 221 3.94 6.36 -8.59
N GLY B 222 2.91 5.60 -8.91
CA GLY B 222 2.67 5.13 -10.27
C GLY B 222 2.56 6.23 -11.29
N PHE B 223 1.71 7.23 -11.02
CA PHE B 223 1.57 8.36 -11.91
C PHE B 223 2.89 9.16 -11.99
N ALA B 224 3.58 9.34 -10.85
CA ALA B 224 4.81 10.14 -10.79
C ALA B 224 5.94 9.53 -11.60
N VAL B 225 6.11 8.20 -11.51
CA VAL B 225 7.15 7.51 -12.28
C VAL B 225 6.65 6.91 -13.61
N GLY B 226 5.36 6.95 -13.93
CA GLY B 226 4.87 6.38 -15.22
C GLY B 226 4.86 4.84 -15.26
N ASN B 227 4.38 4.20 -14.19
CA ASN B 227 4.13 2.77 -14.17
C ASN B 227 2.63 2.46 -14.07
N PRO B 228 2.02 1.94 -15.18
CA PRO B 228 0.58 1.65 -15.24
C PRO B 228 0.11 0.60 -14.31
N ALA B 229 0.96 -0.35 -13.96
CA ALA B 229 0.58 -1.42 -13.02
C ALA B 229 0.24 -0.80 -11.67
N LEU B 230 1.05 0.18 -11.26
CA LEU B 230 0.78 0.85 -10.02
C LEU B 230 -0.30 1.95 -10.08
N MET B 231 -0.41 2.62 -11.21
CA MET B 231 -1.46 3.63 -11.42
C MET B 231 -2.85 3.04 -11.18
N VAL B 232 -3.12 1.93 -11.85
CA VAL B 232 -4.47 1.39 -11.85
C VAL B 232 -4.72 0.72 -10.49
N ALA B 233 -3.86 -0.21 -10.14
CA ALA B 233 -4.04 -1.01 -8.88
C ALA B 233 -4.07 -0.17 -7.63
N GLY B 234 -3.15 0.78 -7.53
CA GLY B 234 -3.16 1.72 -6.45
C GLY B 234 -4.40 2.61 -6.42
N THR B 235 -4.78 3.21 -7.56
CA THR B 235 -5.99 4.04 -7.55
C THR B 235 -7.19 3.18 -7.22
N LEU B 236 -7.25 1.96 -7.77
CA LEU B 236 -8.44 1.09 -7.54
C LEU B 236 -8.65 0.75 -6.07
N VAL B 237 -7.55 0.52 -5.40
CA VAL B 237 -7.59 0.10 -3.99
C VAL B 237 -7.77 1.27 -3.08
N GLY B 238 -7.09 2.36 -3.36
CA GLY B 238 -7.38 3.61 -2.67
C GLY B 238 -8.85 3.96 -2.60
N ALA B 239 -9.53 3.86 -3.74
CA ALA B 239 -10.95 4.23 -3.84
C ALA B 239 -11.80 3.20 -3.14
N ALA B 240 -11.60 1.93 -3.49
CA ALA B 240 -12.34 0.82 -2.81
C ALA B 240 -12.11 0.87 -1.29
N GLY B 241 -10.87 1.09 -0.85
CA GLY B 241 -10.56 1.13 0.57
C GLY B 241 -11.18 2.29 1.27
N THR B 242 -11.23 3.43 0.60
CA THR B 242 -11.87 4.60 1.21
C THR B 242 -13.30 4.25 1.58
N LEU B 243 -14.03 3.66 0.63
CA LEU B 243 -15.41 3.30 0.90
C LEU B 243 -15.57 2.23 1.91
N LEU B 244 -14.71 1.21 1.78
CA LEU B 244 -14.73 0.13 2.73
C LEU B 244 -14.53 0.66 4.17
N THR B 245 -13.69 1.64 4.39
CA THR B 245 -13.48 2.16 5.74
C THR B 245 -14.81 2.81 6.31
N VAL B 246 -15.47 3.60 5.47
CA VAL B 246 -16.81 4.17 5.82
C VAL B 246 -17.77 3.05 6.17
N LEU B 247 -17.82 1.98 5.37
CA LEU B 247 -18.76 0.91 5.66
C LEU B 247 -18.49 0.17 6.99
N MET B 248 -17.21 0.02 7.32
CA MET B 248 -16.83 -0.68 8.55
C MET B 248 -17.18 0.14 9.77
N ALA B 249 -16.91 1.43 9.71
CA ALA B 249 -17.35 2.37 10.70
C ALA B 249 -18.90 2.33 10.93
N ARG B 250 -19.71 2.48 9.88
CA ARG B 250 -21.18 2.38 9.96
C ARG B 250 -21.65 1.04 10.55
N ALA B 251 -21.05 -0.06 10.13
CA ALA B 251 -21.45 -1.34 10.66
C ALA B 251 -21.09 -1.50 12.16
N MET B 252 -19.92 -0.99 12.55
CA MET B 252 -19.44 -1.01 13.95
C MET B 252 -20.00 0.15 14.76
N ASN B 253 -21.01 0.85 14.24
CA ASN B 253 -21.75 1.86 14.96
C ASN B 253 -20.81 2.95 15.31
N ARG B 254 -20.49 3.82 14.33
CA ARG B 254 -19.55 4.94 14.52
C ARG B 254 -19.21 5.75 13.27
N SER B 255 -18.43 6.80 13.48
CA SER B 255 -17.88 7.64 12.42
C SER B 255 -16.34 7.40 12.28
N VAL B 256 -15.84 7.64 11.08
CA VAL B 256 -14.41 7.49 10.79
C VAL B 256 -13.62 8.58 11.47
N TRP B 257 -14.14 9.82 11.41
CA TRP B 257 -13.66 11.03 12.15
C TRP B 257 -13.54 10.77 13.65
N ILE B 258 -14.60 10.27 14.28
CA ILE B 258 -14.54 9.85 15.71
C ILE B 258 -13.35 8.95 16.03
N SER B 259 -13.11 7.89 15.26
CA SER B 259 -11.97 6.98 15.56
C SER B 259 -10.63 7.63 15.26
N VAL B 260 -10.50 8.18 14.07
CA VAL B 260 -9.24 8.68 13.58
C VAL B 260 -8.82 10.07 14.21
N LEU B 261 -9.77 10.81 14.85
CA LEU B 261 -9.53 12.14 15.54
C LEU B 261 -10.76 12.74 16.23
OH2 1PE C . -1.91 -18.76 -8.11
C12 1PE C . -1.25 -17.46 -8.11
C22 1PE C . -0.17 -17.34 -7.01
OH3 1PE C . -0.10 -16.00 -6.47
C13 1PE C . 1.35 -14.39 -5.07
C23 1PE C . 1.16 -15.75 -5.79
OH4 1PE C . 2.61 -13.83 -5.49
C14 1PE C . 4.65 -12.54 -5.44
C24 1PE C . 3.53 -13.16 -4.58
OH5 1PE C . 5.86 -12.05 -4.75
OH2 1PE D . 1.77 10.15 -16.30
C12 1PE D . 1.89 11.52 -15.88
C22 1PE D . 0.59 12.32 -15.85
OH3 1PE D . 0.01 12.19 -14.53
C13 1PE D . -2.07 12.89 -13.33
C23 1PE D . -1.44 12.16 -14.50
OH4 1PE D . -2.97 12.05 -12.55
C14 1PE D . -4.19 12.27 -10.34
C24 1PE D . -2.85 12.21 -11.11
OH5 1PE D . -4.28 13.32 -9.33
C1 PEG E . -13.64 10.52 -7.26
O1 PEG E . -12.82 10.93 -8.38
C2 PEG E . -14.40 9.22 -7.57
O2 PEG E . -15.06 8.64 -6.42
C3 PEG E . -16.31 9.27 -6.10
C4 PEG E . -17.32 8.25 -5.55
O4 PEG E . -18.70 8.61 -5.82
C1 PEG F . -12.43 8.12 -3.96
O1 PEG F . -13.54 8.51 -3.10
C2 PEG F . -11.04 8.49 -3.41
O2 PEG F . -10.03 8.07 -4.35
C3 PEG F . -8.64 8.42 -4.15
C4 PEG F . -7.73 7.37 -4.84
O4 PEG F . -6.42 7.87 -5.18
C10 OLC G . -3.18 -15.41 -16.42
C9 OLC G . -2.02 -15.66 -17.07
C11 OLC G . -4.58 -15.98 -16.75
C8 OLC G . -0.66 -15.02 -16.66
C24 OLC G . 7.94 -8.43 -22.16
C16 OLC G . -9.16 -18.20 -12.53
C12 OLC G . -5.32 -16.43 -15.46
C7 OLC G . 0.41 -16.02 -16.14
C15 OLC G . -8.76 -17.66 -13.90
C13 OLC G . -6.87 -16.61 -15.40
C6 OLC G . 1.92 -15.63 -16.26
C14 OLC G . -7.35 -17.01 -13.97
C5 OLC G . 2.53 -15.61 -17.70
C4 OLC G . 4.06 -15.29 -17.92
C3 OLC G . 4.44 -13.87 -18.44
C2 OLC G . 5.62 -13.69 -19.43
C21 OLC G . 6.16 -9.92 -20.91
C1 OLC G . 6.11 -12.23 -19.65
C22 OLC G . 7.30 -9.81 -21.95
O19 OLC G . 7.02 -11.82 -18.95
O25 OLC G . 9.05 -8.45 -23.10
O23 OLC G . 8.38 -10.63 -21.52
O20 OLC G . 5.64 -11.27 -20.70
C10 OLC H . 9.20 -18.63 -12.94
C9 OLC H . 8.75 -19.00 -14.16
C11 OLC H . 8.28 -18.91 -11.74
C8 OLC H . 9.46 -18.83 -15.49
C24 OLC H . 15.32 -12.71 -19.38
C16 OLC H . 3.07 -21.01 -10.08
C12 OLC H . 6.81 -18.39 -11.91
C7 OLC H . 9.39 -20.19 -16.27
C15 OLC H . 3.19 -19.64 -10.75
C13 OLC H . 5.70 -19.11 -11.09
C6 OLC H . 9.22 -20.16 -17.81
C14 OLC H . 4.34 -19.37 -11.77
C5 OLC H . 10.36 -20.81 -18.65
C4 OLC H . 10.75 -20.07 -19.94
C3 OLC H . 10.98 -18.55 -19.74
C2 OLC H . 12.03 -17.83 -20.63
C21 OLC H . 14.76 -15.13 -20.07
C1 OLC H . 12.71 -16.64 -19.92
C22 OLC H . 14.92 -13.66 -20.54
O19 OLC H . 12.58 -16.45 -18.74
O25 OLC H . 14.55 -11.49 -19.36
O23 OLC H . 15.89 -13.56 -21.61
O20 OLC H . 13.53 -15.66 -20.60
OH2 1PE I . 7.43 -14.73 -10.36
C12 1PE I . 7.06 -14.84 -8.97
C22 1PE I . 5.97 -15.91 -8.77
OH3 1PE I . 6.14 -16.87 -7.67
C13 1PE I . 4.92 -18.74 -6.45
C23 1PE I . 4.88 -17.47 -7.31
OH4 1PE I . 3.54 -19.06 -6.12
C14 1PE I . 1.75 -20.65 -5.62
C24 1PE I . 3.23 -20.27 -5.37
OH5 1PE I . 1.09 -21.31 -4.52
OH2 1PE J . 4.06 -12.60 13.36
C12 1PE J . 5.05 -11.66 12.90
C22 1PE J . 4.82 -11.30 11.43
OH3 1PE J . 6.02 -10.79 10.81
C13 1PE J . 7.33 -10.18 8.87
C23 1PE J . 5.95 -10.66 9.38
OH4 1PE J . 7.27 -9.68 7.51
C14 1PE J . 9.33 -8.90 6.42
C24 1PE J . 8.31 -10.05 6.57
OH5 1PE J . 10.53 -9.37 5.81
C1 PEG K . -6.52 -22.16 -12.16
O1 PEG K . -5.70 -21.65 -11.10
C2 PEG K . -6.68 -21.11 -13.27
O2 PEG K . -6.27 -21.53 -14.60
C3 PEG K . -4.85 -21.53 -14.87
C4 PEG K . -4.34 -20.16 -15.27
O4 PEG K . -2.99 -20.18 -15.80
C1 PEG L . -0.58 16.54 -12.10
O1 PEG L . -0.65 16.68 -10.67
C2 PEG L . 0.85 16.77 -12.57
O2 PEG L . 0.95 16.78 -14.00
C3 PEG L . 2.11 17.42 -14.52
C4 PEG L . 2.09 17.28 -16.05
O4 PEG L . 2.52 15.97 -16.43
C1 PEG M . 10.29 -13.15 -25.11
O1 PEG M . 11.36 -12.20 -25.00
C2 PEG M . 9.33 -13.06 -23.92
O2 PEG M . 9.41 -14.24 -23.08
C3 PEG M . 8.29 -14.44 -22.20
C4 PEG M . 7.48 -15.66 -22.61
O4 PEG M . 7.79 -16.75 -21.72
C1 PEG N . 0.02 18.90 -3.22
O1 PEG N . -0.07 18.99 -4.64
C2 PEG N . 1.41 18.35 -2.88
O2 PEG N . 1.80 18.71 -1.55
C3 PEG N . 2.64 17.75 -0.91
C4 PEG N . 3.12 18.29 0.43
O4 PEG N . 3.46 17.24 1.36
O2 PEG O . 12.68 6.52 3.27
C3 PEG O . 12.20 5.65 4.30
C4 PEG O . 10.69 5.67 4.40
O4 PEG O . 10.16 4.34 4.56
C1 BEN P . 9.91 9.06 -14.34
C2 BEN P . 10.22 10.16 -13.51
C3 BEN P . 11.21 10.05 -12.52
C4 BEN P . 11.90 8.85 -12.34
C5 BEN P . 11.60 7.74 -13.16
C6 BEN P . 10.61 7.84 -14.16
C BEN P . 8.82 9.19 -15.40
N1 BEN P . 8.94 8.63 -16.51
N2 BEN P . 7.68 9.88 -15.16
C1 BEN Q . 15.50 -13.38 -14.70
C2 BEN Q . 14.30 -13.52 -15.46
C3 BEN Q . 13.20 -14.25 -14.99
C4 BEN Q . 13.29 -14.82 -13.71
C5 BEN Q . 14.47 -14.69 -12.95
C6 BEN Q . 15.57 -13.98 -13.43
C BEN Q . 16.68 -12.55 -15.23
N1 BEN Q . 17.17 -11.64 -14.53
N2 BEN Q . 17.22 -12.68 -16.44
C1 BEN R . -8.08 11.13 19.43
C2 BEN R . -7.07 11.93 18.85
C3 BEN R . -6.26 12.73 19.64
C4 BEN R . -6.43 12.74 21.05
C5 BEN R . -7.44 11.98 21.63
C6 BEN R . -8.27 11.17 20.84
C BEN R . -8.97 10.26 18.56
N1 BEN R . -8.55 9.71 17.50
N2 BEN R . -10.25 10.07 18.89
#